data_4OTQ
#
_entry.id   4OTQ
#
_cell.length_a   71.886
_cell.length_b   106.562
_cell.length_c   38.304
_cell.angle_alpha   90.00
_cell.angle_beta   90.00
_cell.angle_gamma   90.00
#
_symmetry.space_group_name_H-M   'P 21 21 2'
#
loop_
_entity.id
_entity.type
_entity.pdbx_description
1 polymer 'Tyrosine-protein kinase BTK'
2 non-polymer 1-{5-[3-(7-tert-butyl-4-oxoquinazolin-3(4H)-yl)-2-methylphenyl]-1-methyl-2-oxo-1,2-dihydropyridin-3-yl}-3-methylurea
3 non-polymer 'DIMETHYL SULFOXIDE'
4 water water
#
_entity_poly.entity_id   1
_entity_poly.type   'polypeptide(L)'
_entity_poly.pdbx_seq_one_letter_code
;GSQQNKNAPSTAGLGYGSWEIDPKDLTFLKELGTGQFGVVKYGKWRGQYDVAIKMIKEGSMSEDEFIEEAKVMMNLSHEK
LVQLYGVCTKQRPIFIITEYMANGCLLNYLREARHAFQTQQLLEMCKDVCEAMEYLESKQFLHRDLAARNCLVNDQGVVK
VSDFGLSRYVLDDEYTSSVGSKFPVRWSPPEVLMYSKFSSKSDIWAFGVLMWEIYSLGKMPYERFTNSETAEHIAQGLRL
YRPHLASAAVYTIMYSCWHEKADERPTFKILLSNILDVMDEES
;
_entity_poly.pdbx_strand_id   A
#
loop_
_chem_comp.id
_chem_comp.type
_chem_comp.name
_chem_comp.formula
2V2 non-polymer 1-{5-[3-(7-tert-butyl-4-oxoquinazolin-3(4H)-yl)-2-methylphenyl]-1-methyl-2-oxo-1,2-dihydropyridin-3-yl}-3-methylurea 'C27 H29 N5 O3'
DMS non-polymer 'DIMETHYL SULFOXIDE' 'C2 H6 O S'
#
# COMPACT_ATOMS: atom_id res chain seq x y z
N GLU A 20 7.72 -12.07 -19.69
CA GLU A 20 7.44 -11.12 -20.81
C GLU A 20 6.15 -11.47 -21.58
N ILE A 21 5.16 -10.58 -21.51
CA ILE A 21 3.87 -10.81 -22.19
C ILE A 21 3.97 -10.24 -23.58
N ASP A 22 3.39 -10.96 -24.56
CA ASP A 22 3.32 -10.44 -25.91
C ASP A 22 2.17 -9.41 -25.96
N PRO A 23 2.43 -8.17 -26.39
CA PRO A 23 1.36 -7.14 -26.40
C PRO A 23 0.23 -7.53 -27.41
N LYS A 24 0.51 -8.45 -28.33
CA LYS A 24 -0.58 -8.97 -29.21
C LYS A 24 -1.68 -9.68 -28.40
N ASP A 25 -1.36 -10.11 -27.19
CA ASP A 25 -2.30 -10.83 -26.30
C ASP A 25 -3.02 -9.88 -25.36
N LEU A 26 -2.87 -8.59 -25.56
CA LEU A 26 -3.58 -7.59 -24.71
C LEU A 26 -4.65 -6.83 -25.51
N THR A 27 -5.78 -6.56 -24.87
CA THR A 27 -6.76 -5.60 -25.41
C THR A 27 -6.97 -4.55 -24.33
N PHE A 28 -7.13 -3.30 -24.75
CA PHE A 28 -7.37 -2.21 -23.79
C PHE A 28 -8.83 -1.84 -23.92
N LEU A 29 -9.54 -1.88 -22.80
CA LEU A 29 -10.98 -1.67 -22.78
C LEU A 29 -11.52 -0.41 -22.12
N LYS A 30 -11.00 -0.04 -20.96
CA LYS A 30 -11.45 1.15 -20.24
C LYS A 30 -10.33 1.78 -19.43
N GLU A 31 -10.45 3.07 -19.15
CA GLU A 31 -9.42 3.72 -18.38
C GLU A 31 -9.76 3.61 -16.88
N LEU A 32 -8.78 3.25 -16.05
CA LEU A 32 -8.98 3.07 -14.62
C LEU A 32 -8.56 4.30 -13.85
N GLY A 33 -7.78 5.18 -14.48
CA GLY A 33 -7.24 6.35 -13.80
C GLY A 33 -5.77 6.55 -14.10
N THR A 34 -5.14 7.43 -13.32
CA THR A 34 -3.74 7.77 -13.47
C THR A 34 -3.06 7.67 -12.08
N GLY A 35 -1.83 7.18 -12.10
CA GLY A 35 -1.02 7.11 -10.90
C GLY A 35 0.33 7.70 -11.19
N GLN A 36 1.28 7.39 -10.33
CA GLN A 36 2.65 7.96 -10.44
C GLN A 36 3.34 7.66 -11.73
N PHE A 37 3.04 6.52 -12.39
CA PHE A 37 3.64 6.22 -13.68
C PHE A 37 2.72 6.46 -14.88
N GLY A 38 1.61 7.17 -14.67
CA GLY A 38 0.75 7.62 -15.78
C GLY A 38 -0.53 6.80 -15.80
N VAL A 39 -1.04 6.56 -17.01
CA VAL A 39 -2.38 5.96 -17.21
C VAL A 39 -2.39 4.45 -16.86
N VAL A 40 -3.51 4.00 -16.32
CA VAL A 40 -3.69 2.59 -16.02
C VAL A 40 -5.01 2.22 -16.71
N LYS A 41 -4.98 1.10 -17.45
CA LYS A 41 -6.19 0.65 -18.16
C LYS A 41 -6.69 -0.70 -17.71
N TYR A 42 -7.97 -0.96 -17.87
CA TYR A 42 -8.51 -2.31 -17.70
C TYR A 42 -8.53 -2.93 -19.10
N GLY A 43 -8.25 -4.22 -19.18
CA GLY A 43 -8.37 -4.92 -20.46
C GLY A 43 -8.39 -6.39 -20.25
N LYS A 44 -8.15 -7.11 -21.34
CA LYS A 44 -8.20 -8.58 -21.29
C LYS A 44 -6.88 -9.07 -21.78
N TRP A 45 -6.43 -10.18 -21.18
CA TRP A 45 -5.17 -10.88 -21.57
C TRP A 45 -5.58 -12.25 -22.13
N ARG A 46 -5.08 -12.58 -23.32
CA ARG A 46 -5.35 -13.84 -24.01
C ARG A 46 -6.85 -14.03 -24.22
N GLY A 47 -7.57 -12.93 -24.45
CA GLY A 47 -9.01 -12.98 -24.75
C GLY A 47 -9.85 -13.61 -23.65
N GLN A 48 -9.38 -13.63 -22.41
CA GLN A 48 -10.11 -14.34 -21.34
C GLN A 48 -9.95 -13.71 -19.97
N TYR A 49 -8.72 -13.27 -19.63
CA TYR A 49 -8.41 -12.89 -18.24
C TYR A 49 -8.49 -11.38 -18.06
N ASP A 50 -9.20 -10.95 -17.02
CA ASP A 50 -9.26 -9.54 -16.67
C ASP A 50 -7.89 -9.12 -16.16
N VAL A 51 -7.40 -8.00 -16.66
CA VAL A 51 -6.15 -7.43 -16.17
C VAL A 51 -6.22 -5.93 -16.05
N ALA A 52 -5.33 -5.40 -15.24
CA ALA A 52 -5.05 -3.97 -15.29
C ALA A 52 -3.66 -3.84 -15.98
N ILE A 53 -3.46 -2.75 -16.68
CA ILE A 53 -2.24 -2.55 -17.46
C ILE A 53 -1.75 -1.15 -17.20
N LYS A 54 -0.60 -1.04 -16.55
CA LYS A 54 0.03 0.28 -16.45
C LYS A 54 0.78 0.59 -17.73
N MET A 55 0.49 1.76 -18.31
CA MET A 55 1.23 2.24 -19.46
C MET A 55 2.19 3.29 -18.92
N ILE A 56 3.46 2.89 -18.84
CA ILE A 56 4.45 3.71 -18.12
C ILE A 56 4.83 4.97 -18.91
N LYS A 57 4.50 6.12 -18.35
CA LYS A 57 4.68 7.42 -19.00
C LYS A 57 6.19 7.64 -19.14
N GLU A 58 6.62 8.08 -20.32
CA GLU A 58 8.01 8.47 -20.54
C GLU A 58 8.52 9.42 -19.50
N GLY A 59 9.70 9.13 -18.96
CA GLY A 59 10.34 10.05 -18.02
C GLY A 59 9.89 9.83 -16.55
N SER A 60 8.89 8.98 -16.35
CA SER A 60 8.37 8.80 -14.98
C SER A 60 9.07 7.70 -14.21
N MET A 61 9.77 6.80 -14.91
CA MET A 61 10.26 5.60 -14.28
C MET A 61 11.73 5.35 -14.68
N SER A 62 12.50 4.81 -13.72
CA SER A 62 13.87 4.30 -13.99
C SER A 62 13.67 2.92 -14.61
N GLU A 63 13.53 2.90 -15.96
CA GLU A 63 13.03 1.73 -16.62
C GLU A 63 13.95 0.54 -16.62
N ASP A 64 15.23 0.76 -16.92
CA ASP A 64 16.17 -0.34 -16.95
C ASP A 64 16.28 -1.00 -15.61
N GLU A 65 16.32 -0.19 -14.54
CA GLU A 65 16.40 -0.76 -13.22
C GLU A 65 15.14 -1.57 -12.89
N PHE A 66 13.99 -1.02 -13.27
CA PHE A 66 12.75 -1.74 -13.02
C PHE A 66 12.74 -3.09 -13.77
N ILE A 67 13.21 -3.07 -15.02
CA ILE A 67 13.20 -4.27 -15.81
C ILE A 67 13.99 -5.40 -15.20
N GLU A 68 15.19 -5.12 -14.66
CA GLU A 68 15.90 -6.11 -13.88
C GLU A 68 15.14 -6.55 -12.63
N GLU A 69 14.50 -5.62 -11.89
CA GLU A 69 13.79 -6.02 -10.66
C GLU A 69 12.56 -6.83 -10.97
N ALA A 70 11.95 -6.61 -12.12
CA ALA A 70 10.70 -7.29 -12.49
C ALA A 70 10.85 -8.81 -12.32
N LYS A 71 12.06 -9.31 -12.53
CA LYS A 71 12.37 -10.74 -12.36
C LYS A 71 12.16 -11.18 -10.92
N VAL A 72 12.69 -10.43 -9.96
CA VAL A 72 12.54 -10.72 -8.53
C VAL A 72 11.05 -10.55 -8.14
N MET A 73 10.43 -9.52 -8.71
CA MET A 73 9.04 -9.22 -8.41
C MET A 73 8.07 -10.28 -8.97
N MET A 74 8.49 -10.94 -10.05
CA MET A 74 7.70 -12.04 -10.61
C MET A 74 7.60 -13.20 -9.62
N ASN A 75 8.51 -13.24 -8.68
CA ASN A 75 8.59 -14.33 -7.71
C ASN A 75 7.86 -13.99 -6.42
N LEU A 76 7.36 -12.76 -6.29
CA LEU A 76 6.51 -12.47 -5.13
C LEU A 76 5.06 -12.87 -5.42
N SER A 77 4.58 -13.86 -4.67
CA SER A 77 3.22 -14.32 -4.97
C SER A 77 2.53 -14.67 -3.67
N HIS A 78 1.38 -14.00 -3.42
CA HIS A 78 0.65 -14.26 -2.20
C HIS A 78 -0.78 -13.84 -2.50
N GLU A 79 -1.73 -14.52 -1.87
CA GLU A 79 -3.16 -14.30 -2.08
C GLU A 79 -3.52 -12.83 -1.79
N LYS A 80 -2.76 -12.15 -0.91
CA LYS A 80 -3.14 -10.78 -0.52
C LYS A 80 -2.21 -9.72 -1.09
N LEU A 81 -1.37 -10.13 -2.03
CA LEU A 81 -0.61 -9.17 -2.85
C LEU A 81 -1.21 -9.14 -4.24
N VAL A 82 -1.34 -7.94 -4.81
CA VAL A 82 -1.73 -7.86 -6.22
C VAL A 82 -0.74 -8.71 -7.08
N GLN A 83 -1.26 -9.63 -7.87
CA GLN A 83 -0.45 -10.57 -8.62
C GLN A 83 0.04 -9.91 -9.87
N LEU A 84 1.38 -9.86 -10.05
CA LEU A 84 1.99 -9.47 -11.32
C LEU A 84 1.82 -10.62 -12.30
N TYR A 85 1.34 -10.31 -13.49
CA TYR A 85 1.21 -11.34 -14.51
C TYR A 85 2.37 -11.31 -15.48
N GLY A 86 2.90 -10.11 -15.69
CA GLY A 86 4.01 -9.94 -16.65
C GLY A 86 4.28 -8.50 -17.03
N VAL A 87 5.27 -8.33 -17.93
CA VAL A 87 5.61 -7.00 -18.40
C VAL A 87 5.75 -7.00 -19.93
N CYS A 88 5.65 -5.83 -20.53
CA CYS A 88 5.99 -5.73 -21.97
C CYS A 88 7.09 -4.72 -22.01
N THR A 89 8.30 -5.16 -22.39
CA THR A 89 9.46 -4.26 -22.30
C THR A 89 10.19 -4.10 -23.62
N LYS A 90 9.69 -4.76 -24.69
CA LYS A 90 10.35 -4.65 -25.98
C LYS A 90 9.71 -3.55 -26.81
N GLN A 91 9.40 -2.42 -26.19
CA GLN A 91 8.57 -1.37 -26.81
C GLN A 91 8.57 -0.23 -25.82
N ARG A 92 8.14 0.96 -26.25
CA ARG A 92 7.85 2.08 -25.31
C ARG A 92 6.51 2.64 -25.75
N PRO A 93 5.62 2.96 -24.79
CA PRO A 93 5.89 2.83 -23.35
C PRO A 93 5.93 1.36 -22.92
N ILE A 94 6.65 1.03 -21.84
CA ILE A 94 6.56 -0.33 -21.26
C ILE A 94 5.21 -0.53 -20.56
N PHE A 95 4.78 -1.78 -20.49
CA PHE A 95 3.51 -2.15 -19.77
C PHE A 95 3.80 -3.00 -18.55
N ILE A 96 3.03 -2.75 -17.48
CA ILE A 96 3.01 -3.68 -16.34
C ILE A 96 1.62 -4.27 -16.25
N ILE A 97 1.56 -5.60 -16.33
CA ILE A 97 0.26 -6.29 -16.38
C ILE A 97 0.02 -7.01 -15.06
N THR A 98 -1.12 -6.70 -14.42
CA THR A 98 -1.46 -7.33 -13.15
C THR A 98 -2.88 -7.87 -13.13
N GLU A 99 -3.16 -8.61 -12.07
CA GLU A 99 -4.49 -8.98 -11.64
C GLU A 99 -5.37 -7.72 -11.58
N TYR A 100 -6.65 -7.88 -11.93
CA TYR A 100 -7.59 -6.73 -11.92
C TYR A 100 -8.42 -6.78 -10.65
N MET A 101 -8.55 -5.62 -10.02
CA MET A 101 -9.28 -5.53 -8.72
C MET A 101 -10.51 -4.67 -8.95
N ALA A 102 -11.68 -5.33 -8.99
CA ALA A 102 -12.88 -4.66 -9.45
C ALA A 102 -13.35 -3.45 -8.64
N ASN A 103 -13.06 -3.44 -7.33
CA ASN A 103 -13.58 -2.36 -6.46
C ASN A 103 -12.61 -1.22 -6.19
N GLY A 104 -11.44 -1.23 -6.84
CA GLY A 104 -10.53 -0.08 -6.87
C GLY A 104 -9.84 0.10 -5.52
N CYS A 105 -9.31 1.31 -5.34
CA CYS A 105 -8.43 1.54 -4.16
C CYS A 105 -9.22 1.52 -2.87
N LEU A 106 -8.54 0.98 -1.84
CA LEU A 106 -9.13 0.89 -0.53
C LEU A 106 -9.57 2.23 0.03
N LEU A 107 -8.79 3.27 -0.22
CA LEU A 107 -9.11 4.60 0.36
C LEU A 107 -10.50 5.02 -0.09
N ASN A 108 -10.74 5.00 -1.40
CA ASN A 108 -12.08 5.45 -1.89
C ASN A 108 -13.19 4.50 -1.40
N TYR A 109 -12.90 3.20 -1.31
CA TYR A 109 -13.87 2.18 -0.87
C TYR A 109 -14.25 2.48 0.59
N LEU A 110 -13.26 2.82 1.44
CA LEU A 110 -13.57 3.15 2.86
C LEU A 110 -14.48 4.36 2.99
N ARG A 111 -14.36 5.31 2.04
CA ARG A 111 -15.03 6.60 2.10
C ARG A 111 -16.50 6.53 1.63
N GLU A 112 -16.89 5.40 1.08
CA GLU A 112 -18.29 5.25 0.60
C GLU A 112 -19.15 4.76 1.78
N ALA A 113 -20.04 5.66 2.26
CA ALA A 113 -20.89 5.36 3.42
C ALA A 113 -21.85 4.22 3.15
N ARG A 114 -22.20 4.00 1.86
CA ARG A 114 -23.17 2.92 1.57
C ARG A 114 -22.71 1.55 2.07
N HIS A 115 -21.39 1.33 2.10
CA HIS A 115 -20.92 -0.01 2.55
C HIS A 115 -21.31 -0.32 4.01
N ALA A 116 -21.39 0.72 4.84
CA ALA A 116 -21.92 0.61 6.21
C ALA A 116 -21.25 -0.54 6.92
N PHE A 117 -19.89 -0.52 6.91
CA PHE A 117 -19.09 -1.66 7.38
C PHE A 117 -19.32 -1.99 8.84
N GLN A 118 -19.38 -3.30 9.16
CA GLN A 118 -19.27 -3.74 10.51
C GLN A 118 -17.81 -3.68 10.94
N THR A 119 -17.55 -3.53 12.22
CA THR A 119 -16.14 -3.50 12.63
C THR A 119 -15.37 -4.78 12.35
N GLN A 120 -16.05 -5.93 12.34
CA GLN A 120 -15.36 -7.21 12.00
C GLN A 120 -14.85 -7.11 10.53
N GLN A 121 -15.59 -6.37 9.67
CA GLN A 121 -15.17 -6.24 8.24
C GLN A 121 -13.94 -5.35 8.19
N LEU A 122 -13.91 -4.30 9.00
CA LEU A 122 -12.70 -3.43 9.07
C LEU A 122 -11.50 -4.23 9.56
N LEU A 123 -11.69 -5.03 10.60
CA LEU A 123 -10.53 -5.85 11.10
C LEU A 123 -10.04 -6.86 10.05
N GLU A 124 -10.98 -7.40 9.27
CA GLU A 124 -10.62 -8.36 8.19
C GLU A 124 -9.76 -7.64 7.12
N MET A 125 -10.07 -6.38 6.82
CA MET A 125 -9.26 -5.62 5.87
C MET A 125 -7.85 -5.47 6.45
N CYS A 126 -7.75 -5.17 7.75
CA CYS A 126 -6.42 -5.04 8.35
C CYS A 126 -5.67 -6.38 8.27
N LYS A 127 -6.37 -7.48 8.54
CA LYS A 127 -5.76 -8.81 8.46
C LYS A 127 -5.29 -9.13 7.05
N ASP A 128 -6.11 -8.81 6.03
CA ASP A 128 -5.69 -9.06 4.63
C ASP A 128 -4.32 -8.36 4.38
N VAL A 129 -4.22 -7.09 4.77
CA VAL A 129 -3.00 -6.34 4.52
C VAL A 129 -1.87 -6.91 5.36
N CYS A 130 -2.16 -7.25 6.62
CA CYS A 130 -1.11 -7.78 7.48
C CYS A 130 -0.51 -9.09 6.91
N GLU A 131 -1.37 -9.94 6.34
CA GLU A 131 -0.93 -11.20 5.74
C GLU A 131 0.03 -10.92 4.58
N ALA A 132 -0.34 -9.97 3.73
CA ALA A 132 0.53 -9.60 2.60
C ALA A 132 1.85 -9.08 3.12
N MET A 133 1.81 -8.23 4.15
CA MET A 133 3.04 -7.64 4.67
C MET A 133 3.91 -8.65 5.44
N GLU A 134 3.28 -9.61 6.11
CA GLU A 134 4.09 -10.66 6.77
C GLU A 134 4.84 -11.45 5.67
N TYR A 135 4.16 -11.73 4.54
CA TYR A 135 4.81 -12.39 3.42
C TYR A 135 6.01 -11.55 2.89
N LEU A 136 5.79 -10.27 2.65
CA LEU A 136 6.88 -9.41 2.19
C LEU A 136 8.01 -9.36 3.18
N GLU A 137 7.66 -9.27 4.47
CA GLU A 137 8.71 -9.23 5.52
C GLU A 137 9.55 -10.51 5.48
N SER A 138 8.90 -11.66 5.27
CA SER A 138 9.60 -12.94 5.21
C SER A 138 10.55 -13.02 4.02
N LYS A 139 10.28 -12.21 3.00
CA LYS A 139 11.16 -12.08 1.82
C LYS A 139 12.10 -10.87 1.94
N GLN A 140 12.13 -10.21 3.10
CA GLN A 140 12.97 -9.03 3.33
C GLN A 140 12.76 -7.95 2.27
N PHE A 141 11.49 -7.76 1.90
CA PHE A 141 11.13 -6.89 0.81
C PHE A 141 10.27 -5.77 1.33
N LEU A 142 10.74 -4.52 1.19
CA LEU A 142 9.99 -3.39 1.74
C LEU A 142 8.99 -2.84 0.75
N HIS A 143 7.84 -2.41 1.28
CA HIS A 143 6.89 -1.71 0.39
C HIS A 143 7.40 -0.25 0.18
N ARG A 144 7.60 0.46 1.31
CA ARG A 144 8.02 1.90 1.37
C ARG A 144 6.93 2.91 1.09
N ASP A 145 5.73 2.45 0.61
CA ASP A 145 4.62 3.39 0.49
C ASP A 145 3.31 2.73 0.86
N LEU A 146 3.31 2.06 2.00
CA LEU A 146 2.07 1.35 2.41
C LEU A 146 1.08 2.37 2.92
N ALA A 147 -0.15 2.30 2.39
CA ALA A 147 -1.22 3.26 2.74
C ALA A 147 -2.48 2.72 2.08
N ALA A 148 -3.65 3.24 2.53
CA ALA A 148 -4.93 2.77 1.92
C ALA A 148 -5.02 3.05 0.45
N ARG A 149 -4.41 4.16 0.02
CA ARG A 149 -4.40 4.55 -1.43
C ARG A 149 -3.64 3.53 -2.28
N ASN A 150 -2.72 2.76 -1.64
CA ASN A 150 -1.93 1.72 -2.34
C ASN A 150 -2.34 0.32 -1.97
N CYS A 151 -3.62 0.16 -1.56
CA CYS A 151 -4.26 -1.14 -1.47
C CYS A 151 -5.48 -1.12 -2.39
N LEU A 152 -5.81 -2.28 -2.89
CA LEU A 152 -6.94 -2.43 -3.80
C LEU A 152 -7.90 -3.47 -3.27
N VAL A 153 -9.16 -3.38 -3.74
CA VAL A 153 -10.21 -4.30 -3.25
C VAL A 153 -10.81 -5.05 -4.42
N ASN A 154 -10.88 -6.37 -4.29
CA ASN A 154 -11.45 -7.16 -5.40
C ASN A 154 -12.95 -7.34 -5.31
N ASP A 155 -13.53 -8.11 -6.25
CA ASP A 155 -14.98 -8.23 -6.34
C ASP A 155 -15.56 -8.99 -5.15
N GLN A 156 -14.71 -9.63 -4.34
CA GLN A 156 -15.18 -10.34 -3.12
C GLN A 156 -14.95 -9.52 -1.89
N GLY A 157 -14.46 -8.29 -2.05
CA GLY A 157 -14.18 -7.44 -0.92
C GLY A 157 -12.87 -7.73 -0.19
N VAL A 158 -12.00 -8.52 -0.84
CA VAL A 158 -10.71 -8.86 -0.26
C VAL A 158 -9.77 -7.71 -0.61
N VAL A 159 -8.97 -7.31 0.38
CA VAL A 159 -7.98 -6.24 0.17
C VAL A 159 -6.64 -6.86 -0.18
N LYS A 160 -5.99 -6.27 -1.19
CA LYS A 160 -4.64 -6.70 -1.55
C LYS A 160 -3.73 -5.50 -1.63
N VAL A 161 -2.46 -5.74 -1.31
CA VAL A 161 -1.50 -4.65 -1.28
C VAL A 161 -0.91 -4.48 -2.72
N SER A 162 -0.79 -3.23 -3.17
CA SER A 162 -0.41 -2.93 -4.54
C SER A 162 0.89 -2.09 -4.59
N ASP A 163 1.63 -2.28 -5.69
CA ASP A 163 2.78 -1.38 -5.99
C ASP A 163 3.88 -1.39 -4.95
N PHE A 164 3.99 -2.53 -4.25
CA PHE A 164 5.08 -2.73 -3.27
C PHE A 164 6.42 -2.68 -4.04
N GLY A 165 7.40 -1.98 -3.48
CA GLY A 165 8.75 -1.95 -4.06
C GLY A 165 8.91 -1.00 -5.22
N LEU A 166 7.82 -0.48 -5.80
CA LEU A 166 7.95 0.33 -7.03
C LEU A 166 8.41 1.78 -6.79
N SER A 167 8.35 2.26 -5.52
CA SER A 167 8.78 3.60 -5.22
C SER A 167 10.26 3.79 -5.62
N ARG A 168 11.02 2.69 -5.62
CA ARG A 168 12.48 2.75 -5.94
C ARG A 168 12.75 3.22 -7.35
N TYR A 169 11.71 3.21 -8.22
CA TYR A 169 11.94 3.53 -9.64
C TYR A 169 11.25 4.81 -10.06
N VAL A 170 10.71 5.55 -9.09
CA VAL A 170 10.03 6.80 -9.38
C VAL A 170 11.08 7.92 -9.59
N LEU A 171 10.94 8.65 -10.70
CA LEU A 171 11.88 9.73 -11.04
C LEU A 171 11.55 11.11 -10.49
N ASP A 172 10.34 11.31 -10.04
CA ASP A 172 9.78 12.62 -9.65
C ASP A 172 10.30 13.03 -8.25
N ASP A 173 11.11 14.08 -8.24
CA ASP A 173 11.70 14.59 -7.00
C ASP A 173 10.67 14.98 -5.93
N GLU A 174 9.49 15.39 -6.35
CA GLU A 174 8.44 15.76 -5.36
C GLU A 174 7.93 14.53 -4.60
N TYR A 175 8.08 13.34 -5.19
CA TYR A 175 7.70 12.11 -4.48
C TYR A 175 8.87 11.54 -3.67
N THR A 176 10.10 11.60 -4.22
CA THR A 176 11.20 10.85 -3.61
C THR A 176 11.88 11.60 -2.49
N SER A 177 11.78 12.93 -2.52
CA SER A 177 12.39 13.77 -1.47
C SER A 177 11.43 13.83 -0.26
N SER A 178 12.02 13.69 0.95
CA SER A 178 11.29 13.81 2.26
C SER A 178 10.53 15.09 2.41
N VAL A 179 11.04 16.16 1.77
CA VAL A 179 10.41 17.51 1.84
C VAL A 179 9.55 17.80 0.57
N GLY A 180 9.45 16.82 -0.33
CA GLY A 180 8.61 16.99 -1.51
C GLY A 180 7.10 16.91 -1.25
N SER A 181 6.32 17.45 -2.20
CA SER A 181 4.86 17.56 -2.03
C SER A 181 4.10 16.23 -2.10
N LYS A 182 4.76 15.18 -2.62
CA LYS A 182 4.10 13.88 -2.89
C LYS A 182 4.66 12.80 -1.97
N PHE A 183 5.67 13.16 -1.15
CA PHE A 183 6.27 12.16 -0.25
C PHE A 183 5.20 11.73 0.78
N PRO A 184 5.16 10.45 1.12
CA PRO A 184 4.10 9.94 2.08
C PRO A 184 4.50 10.27 3.56
N VAL A 185 4.57 11.57 3.86
CA VAL A 185 4.95 12.07 5.17
C VAL A 185 4.08 11.47 6.28
N ARG A 186 2.74 11.47 6.07
CA ARG A 186 1.88 11.08 7.18
C ARG A 186 1.87 9.60 7.50
N TRP A 187 2.57 8.80 6.67
CA TRP A 187 2.68 7.36 6.87
C TRP A 187 4.12 7.00 7.25
N SER A 188 4.97 8.02 7.47
CA SER A 188 6.39 7.74 7.72
C SER A 188 6.78 7.92 9.22
N PRO A 189 7.63 7.05 9.73
CA PRO A 189 8.11 7.20 11.12
C PRO A 189 9.17 8.33 11.19
N PRO A 190 9.47 8.80 12.40
CA PRO A 190 10.38 9.93 12.53
C PRO A 190 11.74 9.65 11.89
N GLU A 191 12.24 8.40 12.03
CA GLU A 191 13.65 8.20 11.58
C GLU A 191 13.67 8.25 10.04
N VAL A 192 12.54 7.98 9.34
CA VAL A 192 12.56 8.15 7.85
C VAL A 192 12.61 9.67 7.55
N LEU A 193 11.74 10.45 8.19
CA LEU A 193 11.69 11.88 7.91
C LEU A 193 12.96 12.64 8.31
N MET A 194 13.58 12.22 9.38
CA MET A 194 14.77 12.94 9.87
C MET A 194 16.05 12.44 9.26
N TYR A 195 16.14 11.11 9.02
CA TYR A 195 17.47 10.52 8.71
C TYR A 195 17.49 9.67 7.44
N SER A 196 16.34 9.48 6.80
CA SER A 196 16.23 8.51 5.68
C SER A 196 16.54 7.10 6.12
N LYS A 197 16.16 6.75 7.34
CA LYS A 197 16.37 5.40 7.89
C LYS A 197 15.14 4.51 7.54
N PHE A 198 15.24 3.82 6.42
CA PHE A 198 14.17 2.93 5.94
C PHE A 198 14.48 1.54 6.44
N SER A 199 13.44 0.82 6.86
CA SER A 199 13.65 -0.52 7.42
C SER A 199 12.32 -1.30 7.42
N SER A 200 12.36 -2.57 7.83
CA SER A 200 11.08 -3.29 8.08
C SER A 200 10.22 -2.46 8.99
N LYS A 201 10.83 -1.79 9.96
CA LYS A 201 10.06 -1.04 10.98
C LYS A 201 9.39 0.23 10.46
N SER A 202 9.83 0.75 9.29
CA SER A 202 9.13 1.88 8.68
C SER A 202 7.86 1.38 7.97
N ASP A 203 7.93 0.17 7.38
CA ASP A 203 6.64 -0.43 6.89
C ASP A 203 5.71 -0.73 8.05
N ILE A 204 6.23 -1.08 9.21
CA ILE A 204 5.36 -1.39 10.36
C ILE A 204 4.66 -0.12 10.78
N TRP A 205 5.39 0.99 10.88
CA TRP A 205 4.78 2.31 11.22
C TRP A 205 3.65 2.65 10.23
N ALA A 206 3.94 2.53 8.93
CA ALA A 206 2.95 2.82 7.90
C ALA A 206 1.70 1.92 8.06
N PHE A 207 1.90 0.65 8.38
CA PHE A 207 0.78 -0.28 8.58
C PHE A 207 -0.13 0.22 9.72
N GLY A 208 0.45 0.68 10.82
CA GLY A 208 -0.38 1.22 11.94
C GLY A 208 -1.20 2.41 11.44
N VAL A 209 -0.62 3.29 10.61
CA VAL A 209 -1.36 4.42 10.01
C VAL A 209 -2.47 3.89 9.12
N LEU A 210 -2.17 2.86 8.36
CA LEU A 210 -3.21 2.23 7.50
C LEU A 210 -4.36 1.69 8.35
N MET A 211 -4.06 0.99 9.45
CA MET A 211 -5.19 0.50 10.32
C MET A 211 -6.00 1.72 10.77
N TRP A 212 -5.35 2.83 11.15
CA TRP A 212 -6.05 4.05 11.53
C TRP A 212 -6.94 4.56 10.39
N GLU A 213 -6.43 4.52 9.14
CA GLU A 213 -7.26 4.93 7.98
C GLU A 213 -8.49 4.04 7.86
N ILE A 214 -8.31 2.75 8.05
CA ILE A 214 -9.44 1.79 7.91
C ILE A 214 -10.50 2.07 8.99
N TYR A 215 -10.07 2.17 10.24
CA TYR A 215 -11.05 2.32 11.35
C TYR A 215 -11.65 3.74 11.35
N SER A 216 -10.99 4.71 10.70
CA SER A 216 -11.51 6.10 10.53
C SER A 216 -12.37 6.24 9.27
N LEU A 217 -12.60 5.11 8.57
CA LEU A 217 -13.36 5.11 7.29
C LEU A 217 -12.77 6.11 6.28
N GLY A 218 -11.43 6.11 6.18
CA GLY A 218 -10.73 6.86 5.15
C GLY A 218 -10.43 8.31 5.42
N LYS A 219 -10.46 8.73 6.69
CA LYS A 219 -10.02 10.10 7.00
C LYS A 219 -8.52 10.22 6.66
N MET A 220 -8.13 11.44 6.33
CA MET A 220 -6.66 11.72 6.22
C MET A 220 -5.98 11.70 7.62
N PRO A 221 -4.91 10.92 7.77
CA PRO A 221 -4.23 10.94 9.10
C PRO A 221 -3.80 12.36 9.40
N TYR A 222 -3.96 12.74 10.67
CA TYR A 222 -3.59 14.10 11.10
C TYR A 222 -4.34 15.13 10.29
N GLU A 223 -5.65 14.97 10.24
CA GLU A 223 -6.46 15.65 9.28
C GLU A 223 -6.51 17.17 9.44
N ARG A 224 -6.15 17.68 10.63
CA ARG A 224 -6.14 19.14 10.86
C ARG A 224 -4.74 19.72 10.83
N PHE A 225 -3.72 18.90 10.52
CA PHE A 225 -2.31 19.35 10.47
C PHE A 225 -1.82 19.35 9.02
N THR A 226 -0.79 20.18 8.76
CA THR A 226 -0.02 20.03 7.50
C THR A 226 1.02 18.89 7.67
N ASN A 227 1.67 18.52 6.56
CA ASN A 227 2.82 17.56 6.55
C ASN A 227 3.88 18.04 7.52
N SER A 228 4.27 19.32 7.41
CA SER A 228 5.33 19.87 8.33
C SER A 228 4.89 19.77 9.78
N GLU A 229 3.64 20.11 10.07
CA GLU A 229 3.16 20.00 11.44
C GLU A 229 3.03 18.54 11.95
N THR A 230 2.72 17.61 11.03
CA THR A 230 2.69 16.20 11.37
C THR A 230 4.09 15.69 11.78
N ALA A 231 5.12 16.07 11.01
CA ALA A 231 6.48 15.61 11.33
C ALA A 231 6.88 16.09 12.71
N GLU A 232 6.48 17.28 13.03
CA GLU A 232 6.75 17.87 14.37
C GLU A 232 5.97 17.23 15.55
N HIS A 233 4.68 16.97 15.37
CA HIS A 233 3.78 16.31 16.35
C HIS A 233 4.38 14.93 16.71
N ILE A 234 4.81 14.18 15.68
CA ILE A 234 5.37 12.85 15.91
C ILE A 234 6.76 12.86 16.52
N ALA A 235 7.58 13.89 16.22
CA ALA A 235 8.89 14.03 16.88
C ALA A 235 8.76 14.33 18.36
N GLN A 236 7.65 14.93 18.75
CA GLN A 236 7.30 15.17 20.20
C GLN A 236 6.71 13.95 20.96
N GLY A 237 6.54 12.82 20.27
CA GLY A 237 6.01 11.60 20.88
C GLY A 237 4.48 11.51 20.84
N LEU A 238 3.82 12.44 20.14
CA LEU A 238 2.33 12.41 20.09
C LEU A 238 1.91 11.62 18.84
N ARG A 239 0.70 11.07 18.90
CA ARG A 239 0.28 10.07 17.91
C ARG A 239 -1.17 10.32 17.51
N LEU A 240 -1.61 9.57 16.51
CA LEU A 240 -3.01 9.62 16.07
C LEU A 240 -3.92 9.15 17.23
N TYR A 241 -5.07 9.81 17.34
CA TYR A 241 -6.07 9.46 18.38
C TYR A 241 -6.79 8.17 17.97
N ARG A 242 -7.43 7.53 18.93
CA ARG A 242 -8.20 6.33 18.65
C ARG A 242 -9.44 6.66 17.81
N PRO A 243 -9.60 5.99 16.65
CA PRO A 243 -10.86 6.17 15.94
C PRO A 243 -12.01 5.64 16.72
N HIS A 244 -13.17 6.32 16.60
CA HIS A 244 -14.33 5.86 17.40
C HIS A 244 -14.63 4.38 17.23
N LEU A 245 -14.52 3.87 15.98
CA LEU A 245 -14.87 2.46 15.73
C LEU A 245 -13.83 1.44 16.23
N ALA A 246 -12.66 1.94 16.69
CA ALA A 246 -11.61 1.02 17.17
C ALA A 246 -11.80 0.76 18.69
N SER A 247 -11.80 -0.52 19.06
CA SER A 247 -11.81 -0.88 20.48
C SER A 247 -10.43 -0.56 21.11
N ALA A 248 -10.34 -0.67 22.42
CA ALA A 248 -9.04 -0.47 23.09
C ALA A 248 -8.03 -1.45 22.52
N ALA A 249 -8.45 -2.69 22.27
CA ALA A 249 -7.48 -3.70 21.80
C ALA A 249 -6.99 -3.34 20.40
N VAL A 250 -7.91 -2.93 19.53
CA VAL A 250 -7.53 -2.56 18.16
C VAL A 250 -6.59 -1.32 18.21
N TYR A 251 -6.90 -0.35 19.06
CA TYR A 251 -6.03 0.84 19.16
C TYR A 251 -4.63 0.46 19.70
N THR A 252 -4.56 -0.48 20.66
CA THR A 252 -3.25 -0.97 21.16
C THR A 252 -2.41 -1.55 19.99
N ILE A 253 -3.07 -2.23 19.07
CA ILE A 253 -2.32 -2.86 17.96
C ILE A 253 -1.79 -1.74 17.10
N MET A 254 -2.62 -0.81 16.65
CA MET A 254 -2.09 0.24 15.71
C MET A 254 -1.04 1.07 16.44
N TYR A 255 -1.29 1.37 17.73
CA TYR A 255 -0.36 2.23 18.46
C TYR A 255 0.98 1.59 18.68
N SER A 256 1.01 0.26 18.77
CA SER A 256 2.30 -0.47 18.99
C SER A 256 3.21 -0.28 17.76
N CYS A 257 2.61 0.04 16.59
CA CYS A 257 3.38 0.27 15.35
C CYS A 257 4.07 1.65 15.37
N TRP A 258 3.82 2.48 16.40
CA TRP A 258 4.32 3.87 16.39
C TRP A 258 5.27 4.12 17.54
N HIS A 259 5.92 3.08 18.04
CA HIS A 259 6.90 3.27 19.14
C HIS A 259 8.01 4.16 18.63
N GLU A 260 8.42 5.12 19.45
CA GLU A 260 9.55 5.99 19.09
C GLU A 260 10.78 5.16 18.70
N LYS A 261 11.05 4.04 19.39
CA LYS A 261 12.20 3.21 19.07
C LYS A 261 11.77 2.16 18.07
N ALA A 262 12.36 2.20 16.87
CA ALA A 262 12.00 1.27 15.81
C ALA A 262 12.10 -0.18 16.25
N ASP A 263 13.16 -0.51 17.01
CA ASP A 263 13.36 -1.91 17.43
C ASP A 263 12.32 -2.41 18.44
N GLU A 264 11.49 -1.51 18.95
CA GLU A 264 10.43 -1.88 19.89
C GLU A 264 9.09 -2.05 19.21
N ARG A 265 9.04 -1.77 17.90
CA ARG A 265 7.80 -1.97 17.14
C ARG A 265 7.74 -3.45 16.78
N PRO A 266 6.53 -4.04 16.71
CA PRO A 266 6.36 -5.48 16.43
C PRO A 266 6.76 -5.81 14.97
N THR A 267 6.85 -7.11 14.71
CA THR A 267 6.95 -7.61 13.34
C THR A 267 5.53 -7.83 12.78
N PHE A 268 5.45 -8.00 11.48
CA PHE A 268 4.15 -8.35 10.86
C PHE A 268 3.61 -9.72 11.34
N LYS A 269 4.52 -10.65 11.64
CA LYS A 269 4.09 -11.91 12.24
C LYS A 269 3.42 -11.68 13.63
N ILE A 270 4.01 -10.83 14.45
CA ILE A 270 3.38 -10.51 15.76
C ILE A 270 2.06 -9.78 15.57
N LEU A 271 2.04 -8.83 14.66
CA LEU A 271 0.78 -8.04 14.41
C LEU A 271 -0.29 -9.02 13.95
N LEU A 272 0.05 -9.97 13.07
CA LEU A 272 -0.99 -10.90 12.58
C LEU A 272 -1.60 -11.69 13.74
N SER A 273 -0.72 -12.21 14.63
CA SER A 273 -1.21 -12.92 15.83
C SER A 273 -2.07 -12.02 16.68
N ASN A 274 -1.66 -10.74 16.81
CA ASN A 274 -2.47 -9.83 17.63
C ASN A 274 -3.85 -9.62 17.00
N ILE A 275 -3.89 -9.46 15.68
CA ILE A 275 -5.18 -9.22 14.99
C ILE A 275 -6.08 -10.46 15.09
N LEU A 276 -5.49 -11.66 14.94
CA LEU A 276 -6.29 -12.91 15.07
C LEU A 276 -6.85 -13.05 16.48
N ASP A 277 -6.07 -12.62 17.47
CA ASP A 277 -6.54 -12.70 18.88
C ASP A 277 -7.75 -11.78 19.05
N VAL A 278 -7.68 -10.57 18.51
CA VAL A 278 -8.78 -9.61 18.63
C VAL A 278 -10.04 -10.12 17.89
N MET A 279 -9.82 -10.70 16.72
CA MET A 279 -10.96 -11.33 16.03
C MET A 279 -11.64 -12.36 16.91
N ASP A 280 -10.86 -13.21 17.60
CA ASP A 280 -11.47 -14.23 18.47
C ASP A 280 -12.12 -13.64 19.69
N GLU A 281 -11.61 -12.51 20.14
CA GLU A 281 -12.08 -11.95 21.38
C GLU A 281 -13.34 -11.15 21.18
N GLU A 282 -13.43 -10.46 20.04
CA GLU A 282 -14.41 -9.39 19.84
C GLU A 282 -15.31 -9.79 18.68
C1 2V2 B . -6.63 -2.17 -10.44
C2 2V2 B . -7.39 -1.00 -10.33
C3 2V2 B . -6.81 0.25 -10.35
C4 2V2 B . -5.36 0.33 -10.49
C5 2V2 B . -4.66 -0.86 -10.58
N6 2V2 B . -5.23 -2.08 -10.56
O7 2V2 B . -7.14 -3.28 -10.41
C8 2V2 B . -4.41 -3.28 -10.55
C9 2V2 B . -4.72 1.66 -10.51
C10 2V2 B . -5.30 2.66 -11.30
C11 2V2 B . -4.84 3.93 -11.40
C12 2V2 B . -3.65 4.23 -10.67
C13 2V2 B . -3.04 3.25 -9.90
C14 2V2 B . -3.52 1.96 -9.78
C15 2V2 B . -2.88 0.91 -8.95
N16 2V2 B . -1.85 3.59 -9.18
C17 2V2 B . -1.98 4.14 -7.91
N18 2V2 B . -0.97 4.35 -7.15
C19 2V2 B . -0.62 3.35 -9.73
O20 2V2 B . -0.51 2.83 -10.83
C21 2V2 B . 0.53 3.64 -8.89
C22 2V2 B . 0.32 4.10 -7.56
C23 2V2 B . 1.39 4.30 -6.67
C24 2V2 B . 2.70 4.04 -7.14
C25 2V2 B . 2.93 3.59 -8.45
C26 2V2 B . 1.84 3.35 -9.32
C27 2V2 B . 3.86 4.31 -6.17
C28 2V2 B . 3.56 3.52 -4.85
C29 2V2 B . 5.21 3.84 -6.77
C30 2V2 B . 3.95 5.82 -5.90
N31 2V2 B . -8.79 -1.22 -10.21
C32 2V2 B . -9.77 -0.31 -10.36
O33 2V2 B . -9.58 0.87 -10.55
N34 2V2 B . -11.03 -0.83 -10.28
C35 2V2 B . -12.19 0.11 -10.44
S DMS C . 7.15 5.10 5.09
O DMS C . 7.31 3.62 4.97
C1 DMS C . 8.28 5.83 3.97
C2 DMS C . 5.62 5.39 4.26
S DMS D . 10.01 6.81 -0.35
O DMS D . 10.20 7.78 -1.47
C1 DMS D . 8.37 6.17 -0.69
C2 DMS D . 11.02 5.51 -0.54
#